data_3UQF
#
_entry.id   3UQF
#
_cell.length_a   41.790
_cell.length_b   63.240
_cell.length_c   73.300
_cell.angle_alpha   79.320
_cell.angle_beta   89.350
_cell.angle_gamma   89.880
#
_symmetry.space_group_name_H-M   'P 1'
#
loop_
_entity.id
_entity.type
_entity.pdbx_description
1 polymer 'Proto-oncogene tyrosine-protein kinase Src'
2 non-polymer 3-(6-ethoxynaphthalen-2-yl)-1-(propan-2-yl)-1H-pyrazolo[3,4-d]pyrimidin-4-amine
3 water water
#
_entity_poly.entity_id   1
_entity_poly.type   'polypeptide(L)'
_entity_poly.pdbx_seq_one_letter_code
;GHMQTQGLAKDAWEIPRESLRLEVKLGQGCFGEVWMGTWNGTTRVAIKTLKPGTMSPEAFLQEAQVMKKLRHEKLVQLYA
VVSEEPIYIVTEYMSKGSLLDFLKGEMGKYLRLPQLVDMAAQIASGMAYVERMNYVHRDLRAANILVGENLVCKVADFGL
ARLIEDNEYTARQGAKFPIKWTAPEAALYGRFTIKSDVWSFGILLTELTTKGRVPYPGMVNREVLDQVERGYRMPCPPEC
PESLHDLMCQCWRKDPEERPTFEYLQAFLEDYFTSTEPQYQPGENL
;
_entity_poly.pdbx_strand_id   A,B
#
loop_
_chem_comp.id
_chem_comp.type
_chem_comp.name
_chem_comp.formula
BK5 non-polymer 3-(6-ethoxynaphthalen-2-yl)-1-(propan-2-yl)-1H-pyrazolo[3,4-d]pyrimidin-4-amine 'C20 H21 N5 O'
#
# COMPACT_ATOMS: atom_id res chain seq x y z
N ASP A 11 -19.14 -19.46 -34.86
CA ASP A 11 -18.64 -18.08 -34.58
C ASP A 11 -17.12 -18.02 -34.80
N ALA A 12 -16.64 -17.05 -35.57
CA ALA A 12 -15.24 -16.99 -36.02
C ALA A 12 -14.21 -16.63 -34.94
N TRP A 13 -14.68 -16.24 -33.76
CA TRP A 13 -13.80 -15.97 -32.62
C TRP A 13 -13.30 -17.24 -31.95
N GLU A 14 -13.99 -18.35 -32.19
CA GLU A 14 -13.66 -19.63 -31.55
C GLU A 14 -12.33 -20.19 -32.04
N ILE A 15 -11.57 -20.74 -31.11
CA ILE A 15 -10.29 -21.35 -31.42
C ILE A 15 -10.21 -22.71 -30.73
N PRO A 16 -9.34 -23.60 -31.23
CA PRO A 16 -9.18 -24.91 -30.58
C PRO A 16 -8.39 -24.78 -29.29
N ARG A 17 -8.67 -25.65 -28.33
CA ARG A 17 -8.04 -25.62 -27.02
C ARG A 17 -6.53 -25.93 -27.11
N GLU A 18 -6.17 -26.72 -28.11
CA GLU A 18 -4.77 -27.09 -28.32
C GLU A 18 -3.90 -25.91 -28.77
N SER A 19 -4.51 -24.85 -29.30
CA SER A 19 -3.76 -23.68 -29.80
C SER A 19 -3.26 -22.70 -28.71
N LEU A 20 -3.68 -22.91 -27.47
CA LEU A 20 -3.28 -22.06 -26.34
C LEU A 20 -2.30 -22.78 -25.40
N ARG A 21 -1.21 -22.11 -25.05
CA ARG A 21 -0.30 -22.58 -24.00
C ARG A 21 -0.27 -21.56 -22.87
N LEU A 22 -0.57 -22.01 -21.66
CA LEU A 22 -0.63 -21.12 -20.49
C LEU A 22 0.70 -21.20 -19.75
N GLU A 23 1.48 -20.13 -19.82
CA GLU A 23 2.87 -20.16 -19.35
C GLU A 23 3.07 -19.66 -17.92
N VAL A 24 2.75 -18.38 -17.66
CA VAL A 24 2.96 -17.77 -16.34
C VAL A 24 1.62 -17.28 -15.80
N LYS A 25 1.28 -17.68 -14.58
CA LYS A 25 0.06 -17.22 -13.90
C LYS A 25 0.25 -15.77 -13.45
N LEU A 26 -0.76 -14.93 -13.69
CA LEU A 26 -0.67 -13.50 -13.39
C LEU A 26 -1.63 -13.01 -12.29
N GLY A 27 -2.68 -13.77 -12.01
CA GLY A 27 -3.62 -13.41 -10.95
C GLY A 27 -4.79 -14.36 -10.79
N GLN A 28 -5.31 -14.45 -9.56
CA GLN A 28 -6.45 -15.30 -9.23
C GLN A 28 -7.64 -14.43 -8.79
N GLY A 29 -8.82 -15.03 -8.70
CA GLY A 29 -10.03 -14.31 -8.26
C GLY A 29 -11.26 -15.19 -8.11
N CYS A 30 -12.40 -14.55 -7.90
CA CYS A 30 -13.69 -15.25 -7.81
C CYS A 30 -14.08 -15.91 -9.13
N PHE A 31 -13.89 -15.18 -10.23
CA PHE A 31 -14.16 -15.67 -11.58
C PHE A 31 -13.28 -16.88 -11.90
N GLY A 32 -11.97 -16.66 -11.93
CA GLY A 32 -11.02 -17.72 -12.22
C GLY A 32 -9.59 -17.21 -12.18
N GLU A 33 -8.88 -17.32 -13.30
CA GLU A 33 -7.45 -17.01 -13.36
C GLU A 33 -7.10 -16.16 -14.58
N VAL A 34 -5.92 -15.53 -14.55
CA VAL A 34 -5.38 -14.83 -15.71
C VAL A 34 -3.93 -15.24 -15.93
N TRP A 35 -3.60 -15.59 -17.18
CA TRP A 35 -2.28 -16.13 -17.53
C TRP A 35 -1.67 -15.41 -18.71
N MET A 36 -0.35 -15.28 -18.69
CA MET A 36 0.39 -14.95 -19.90
C MET A 36 0.58 -16.25 -20.68
N GLY A 37 0.39 -16.20 -21.99
CA GLY A 37 0.51 -17.40 -22.81
C GLY A 37 0.94 -17.14 -24.24
N THR A 38 0.92 -18.22 -25.02
CA THR A 38 1.16 -18.17 -26.46
C THR A 38 -0.09 -18.70 -27.17
N TRP A 39 -0.32 -18.23 -28.39
CA TRP A 39 -1.45 -18.61 -29.22
C TRP A 39 -0.94 -18.96 -30.58
N ASN A 40 -1.31 -20.13 -31.08
CA ASN A 40 -0.81 -20.66 -32.37
C ASN A 40 0.72 -20.78 -32.42
N GLY A 41 1.36 -20.82 -31.26
CA GLY A 41 2.82 -20.96 -31.16
C GLY A 41 3.65 -19.74 -31.53
N THR A 42 2.98 -18.62 -31.83
CA THR A 42 3.64 -17.42 -32.36
C THR A 42 3.31 -16.13 -31.63
N THR A 43 2.09 -16.03 -31.10
CA THR A 43 1.52 -14.76 -30.65
C THR A 43 1.38 -14.72 -29.14
N ARG A 44 2.16 -13.83 -28.51
CA ARG A 44 2.04 -13.57 -27.09
C ARG A 44 0.63 -13.09 -26.78
N VAL A 45 0.02 -13.64 -25.74
CA VAL A 45 -1.36 -13.31 -25.38
C VAL A 45 -1.57 -13.34 -23.87
N ALA A 46 -2.69 -12.76 -23.43
CA ALA A 46 -3.20 -12.92 -22.06
C ALA A 46 -4.46 -13.78 -22.15
N ILE A 47 -4.63 -14.69 -21.17
CA ILE A 47 -5.74 -15.63 -21.16
C ILE A 47 -6.47 -15.61 -19.82
N LYS A 48 -7.78 -15.38 -19.85
CA LYS A 48 -8.61 -15.45 -18.65
C LYS A 48 -9.45 -16.73 -18.69
N THR A 49 -9.46 -17.47 -17.58
CA THR A 49 -10.27 -18.68 -17.46
C THR A 49 -11.40 -18.46 -16.47
N LEU A 50 -12.54 -19.09 -16.72
CA LEU A 50 -13.60 -19.19 -15.75
C LEU A 50 -13.49 -20.57 -15.07
N LYS A 51 -13.59 -20.59 -13.74
CA LYS A 51 -13.63 -21.83 -12.98
C LYS A 51 -15.07 -22.33 -13.01
N PRO A 52 -15.32 -23.49 -13.67
CA PRO A 52 -16.67 -23.95 -14.02
C PRO A 52 -17.71 -23.86 -12.90
N GLY A 53 -17.42 -24.45 -11.75
CA GLY A 53 -18.36 -24.47 -10.63
C GLY A 53 -18.45 -23.17 -9.84
N THR A 54 -17.56 -22.22 -10.14
CA THR A 54 -17.50 -20.95 -9.42
C THR A 54 -18.63 -19.98 -9.79
N MET A 55 -18.81 -19.73 -11.09
CA MET A 55 -19.67 -18.61 -11.54
C MET A 55 -20.49 -18.95 -12.78
N SER A 56 -21.57 -18.20 -13.00
CA SER A 56 -22.47 -18.41 -14.14
C SER A 56 -21.74 -18.32 -15.49
N PRO A 57 -21.86 -19.36 -16.33
CA PRO A 57 -21.23 -19.35 -17.67
C PRO A 57 -21.96 -18.43 -18.65
N GLU A 58 -23.28 -18.36 -18.55
CA GLU A 58 -24.09 -17.45 -19.37
C GLU A 58 -23.77 -15.98 -19.02
N ALA A 59 -23.54 -15.70 -17.74
CA ALA A 59 -23.19 -14.36 -17.28
C ALA A 59 -21.79 -13.92 -17.73
N PHE A 60 -20.87 -14.87 -17.85
CA PHE A 60 -19.46 -14.56 -18.16
C PHE A 60 -19.22 -14.20 -19.64
N LEU A 61 -19.96 -14.86 -20.54
CA LEU A 61 -19.87 -14.64 -21.99
C LEU A 61 -20.48 -13.32 -22.46
N GLN A 62 -21.29 -12.66 -21.63
CA GLN A 62 -21.84 -11.34 -21.95
C GLN A 62 -20.76 -10.25 -21.94
N GLU A 63 -19.76 -10.38 -21.07
CA GLU A 63 -18.61 -9.45 -21.06
C GLU A 63 -17.73 -9.63 -22.29
N ALA A 64 -17.64 -10.87 -22.78
CA ALA A 64 -16.91 -11.20 -24.01
C ALA A 64 -17.63 -10.72 -25.28
N GLN A 65 -18.96 -10.80 -25.28
CA GLN A 65 -19.82 -10.21 -26.34
C GLN A 65 -19.62 -8.71 -26.54
N VAL A 66 -19.46 -8.00 -25.42
CA VAL A 66 -19.18 -6.56 -25.45
C VAL A 66 -17.80 -6.30 -26.05
N MET A 67 -16.86 -7.23 -25.85
CA MET A 67 -15.51 -7.09 -26.42
C MET A 67 -15.46 -7.46 -27.91
N LYS A 68 -16.44 -8.22 -28.40
CA LYS A 68 -16.56 -8.52 -29.83
C LYS A 68 -16.98 -7.30 -30.66
N LYS A 69 -17.75 -6.40 -30.03
CA LYS A 69 -18.27 -5.21 -30.75
C LYS A 69 -17.35 -3.99 -30.69
N LEU A 70 -16.82 -3.71 -29.50
CA LEU A 70 -15.93 -2.56 -29.30
C LEU A 70 -14.52 -2.86 -29.80
N ARG A 71 -13.95 -1.93 -30.55
CA ARG A 71 -12.61 -2.06 -31.12
C ARG A 71 -11.96 -0.69 -31.19
N HIS A 72 -10.85 -0.52 -30.48
CA HIS A 72 -10.16 0.76 -30.42
C HIS A 72 -8.80 0.57 -29.88
N GLU A 73 -7.85 1.39 -30.32
CA GLU A 73 -6.45 1.18 -29.94
C GLU A 73 -6.19 1.35 -28.42
N LYS A 74 -7.15 1.97 -27.72
CA LYS A 74 -7.03 2.21 -26.28
C LYS A 74 -8.04 1.40 -25.46
N LEU A 75 -8.68 0.41 -26.08
CA LEU A 75 -9.38 -0.64 -25.35
C LEU A 75 -8.62 -1.93 -25.51
N VAL A 76 -8.46 -2.68 -24.42
CA VAL A 76 -7.82 -3.98 -24.50
C VAL A 76 -8.58 -4.84 -25.50
N GLN A 77 -7.87 -5.38 -26.49
CA GLN A 77 -8.48 -6.05 -27.63
C GLN A 77 -8.72 -7.57 -27.40
N LEU A 78 -9.95 -8.02 -27.66
CA LEU A 78 -10.25 -9.46 -27.70
C LEU A 78 -9.60 -10.09 -28.92
N TYR A 79 -8.94 -11.23 -28.72
CA TYR A 79 -8.31 -11.98 -29.80
C TYR A 79 -9.10 -13.24 -30.17
N ALA A 80 -9.54 -13.97 -29.14
CA ALA A 80 -10.17 -15.28 -29.35
C ALA A 80 -10.92 -15.75 -28.10
N VAL A 81 -11.76 -16.76 -28.30
CA VAL A 81 -12.55 -17.35 -27.21
C VAL A 81 -12.65 -18.87 -27.33
N VAL A 82 -12.74 -19.55 -26.18
CA VAL A 82 -13.27 -20.91 -26.12
C VAL A 82 -14.53 -20.81 -25.24
N SER A 83 -15.72 -20.81 -25.87
CA SER A 83 -16.96 -20.46 -25.16
C SER A 83 -17.75 -21.66 -24.59
N GLU A 84 -17.06 -22.78 -24.39
CA GLU A 84 -17.61 -23.96 -23.71
C GLU A 84 -16.81 -24.21 -22.45
N GLU A 85 -17.48 -24.56 -21.36
CA GLU A 85 -16.78 -24.83 -20.09
C GLU A 85 -15.82 -26.01 -20.25
N PRO A 86 -14.57 -25.88 -19.75
CA PRO A 86 -14.00 -24.68 -19.11
C PRO A 86 -13.73 -23.56 -20.12
N ILE A 87 -14.22 -22.37 -19.80
CA ILE A 87 -14.15 -21.22 -20.71
C ILE A 87 -12.76 -20.59 -20.66
N TYR A 88 -12.27 -20.14 -21.82
CA TYR A 88 -11.05 -19.36 -21.92
C TYR A 88 -11.29 -18.09 -22.76
N ILE A 89 -10.77 -16.95 -22.33
CA ILE A 89 -10.89 -15.69 -23.08
C ILE A 89 -9.48 -15.18 -23.37
N VAL A 90 -9.20 -14.87 -24.64
CA VAL A 90 -7.86 -14.49 -25.06
C VAL A 90 -7.86 -13.04 -25.55
N THR A 91 -6.98 -12.22 -24.98
CA THR A 91 -6.86 -10.81 -25.33
C THR A 91 -5.40 -10.50 -25.60
N GLU A 92 -5.13 -9.29 -26.11
CA GLU A 92 -3.75 -8.84 -26.23
C GLU A 92 -3.07 -8.87 -24.86
N TYR A 93 -1.75 -9.04 -24.87
CA TYR A 93 -0.99 -9.12 -23.65
C TYR A 93 -0.50 -7.71 -23.31
N MET A 94 -0.81 -7.25 -22.10
CA MET A 94 -0.33 -5.95 -21.64
C MET A 94 0.84 -6.15 -20.66
N SER A 95 2.05 -5.92 -21.14
CA SER A 95 3.26 -6.37 -20.46
C SER A 95 3.52 -5.80 -19.07
N LYS A 96 2.86 -4.71 -18.70
CA LYS A 96 3.15 -4.04 -17.44
C LYS A 96 2.03 -4.16 -16.40
N GLY A 97 1.02 -4.98 -16.69
CA GLY A 97 -0.04 -5.26 -15.72
C GLY A 97 -0.95 -4.09 -15.48
N SER A 98 -1.59 -4.07 -14.31
CA SER A 98 -2.61 -3.05 -14.04
C SER A 98 -1.90 -1.73 -13.79
N LEU A 99 -2.57 -0.66 -14.14
CA LEU A 99 -2.04 0.68 -13.93
C LEU A 99 -1.81 0.96 -12.43
N LEU A 100 -2.72 0.47 -11.61
CA LEU A 100 -2.60 0.58 -10.13
C LEU A 100 -1.29 0.02 -9.61
N ASP A 101 -0.97 -1.23 -10.01
CA ASP A 101 0.30 -1.88 -9.67
C ASP A 101 1.49 -1.12 -10.24
N PHE A 102 1.38 -0.69 -11.48
CA PHE A 102 2.45 0.07 -12.12
C PHE A 102 2.75 1.33 -11.33
N LEU A 103 1.71 2.13 -11.03
CA LEU A 103 1.90 3.36 -10.27
C LEU A 103 2.52 3.13 -8.89
N LYS A 104 2.06 2.10 -8.17
CA LYS A 104 2.54 1.79 -6.82
C LYS A 104 3.94 1.17 -6.83
N GLY A 105 4.26 0.43 -7.88
CA GLY A 105 5.53 -0.30 -7.95
C GLY A 105 6.79 0.53 -8.18
N GLU A 106 7.83 -0.14 -8.64
CA GLU A 106 9.17 0.42 -8.82
C GLU A 106 9.26 1.48 -9.91
N MET A 107 8.34 1.45 -10.88
CA MET A 107 8.26 2.50 -11.91
C MET A 107 7.69 3.80 -11.39
N GLY A 108 6.71 3.69 -10.50
CA GLY A 108 6.00 4.86 -9.97
C GLY A 108 6.87 6.02 -9.59
N LYS A 109 8.02 5.71 -9.01
CA LYS A 109 8.89 6.74 -8.45
C LYS A 109 9.55 7.63 -9.54
N TYR A 110 9.59 7.16 -10.80
CA TYR A 110 10.19 7.96 -11.89
C TYR A 110 9.16 8.68 -12.77
N LEU A 111 7.90 8.27 -12.67
CA LEU A 111 6.82 8.92 -13.38
C LEU A 111 6.69 10.37 -12.88
N ARG A 112 6.66 11.28 -13.84
CA ARG A 112 6.43 12.68 -13.58
C ARG A 112 5.16 13.10 -14.31
N LEU A 113 4.71 14.33 -14.06
CA LEU A 113 3.46 14.84 -14.60
C LEU A 113 3.32 14.64 -16.10
N PRO A 114 4.38 14.88 -16.88
CA PRO A 114 4.23 14.65 -18.32
C PRO A 114 3.83 13.21 -18.66
N GLN A 115 4.41 12.23 -18.00
CA GLN A 115 4.05 10.85 -18.32
C GLN A 115 2.62 10.57 -17.85
N LEU A 116 2.27 11.08 -16.68
CA LEU A 116 0.97 10.75 -16.09
C LEU A 116 -0.19 11.40 -16.86
N VAL A 117 0.00 12.63 -17.31
CA VAL A 117 -1.02 13.30 -18.08
C VAL A 117 -1.22 12.63 -19.44
N ASP A 118 -0.12 12.19 -20.04
CA ASP A 118 -0.17 11.44 -21.30
C ASP A 118 -0.89 10.11 -21.11
N MET A 119 -0.69 9.47 -19.97
CA MET A 119 -1.44 8.26 -19.63
C MET A 119 -2.94 8.57 -19.50
N ALA A 120 -3.25 9.66 -18.81
CA ALA A 120 -4.64 10.13 -18.64
C ALA A 120 -5.29 10.40 -19.98
N ALA A 121 -4.50 10.95 -20.90
CA ALA A 121 -5.01 11.31 -22.20
C ALA A 121 -5.44 10.06 -22.99
N GLN A 122 -4.64 9.01 -22.92
CA GLN A 122 -4.95 7.76 -23.61
C GLN A 122 -6.21 7.14 -23.07
N ILE A 123 -6.31 7.11 -21.75
CA ILE A 123 -7.50 6.56 -21.09
C ILE A 123 -8.73 7.34 -21.54
N ALA A 124 -8.60 8.67 -21.59
CA ALA A 124 -9.65 9.55 -22.11
C ALA A 124 -9.99 9.27 -23.55
N SER A 125 -9.00 8.94 -24.36
CA SER A 125 -9.22 8.58 -25.75
C SER A 125 -10.08 7.30 -25.86
N GLY A 126 -9.70 6.26 -25.14
CA GLY A 126 -10.52 5.04 -25.11
C GLY A 126 -11.96 5.32 -24.65
N MET A 127 -12.09 6.14 -23.60
CA MET A 127 -13.40 6.46 -23.02
C MET A 127 -14.18 7.38 -23.95
N ALA A 128 -13.47 8.17 -24.75
CA ALA A 128 -14.13 8.97 -25.79
C ALA A 128 -14.76 8.08 -26.85
N TYR A 129 -14.13 6.94 -27.14
CA TYR A 129 -14.69 5.97 -28.08
C TYR A 129 -15.92 5.30 -27.45
N VAL A 130 -15.81 4.90 -26.19
CA VAL A 130 -16.94 4.35 -25.46
C VAL A 130 -18.12 5.32 -25.47
N GLU A 131 -17.80 6.61 -25.35
CA GLU A 131 -18.77 7.71 -25.35
C GLU A 131 -19.46 7.83 -26.71
N ARG A 132 -18.68 7.85 -27.80
CA ARG A 132 -19.22 7.89 -29.16
C ARG A 132 -20.14 6.69 -29.46
N MET A 133 -19.85 5.54 -28.87
CA MET A 133 -20.63 4.32 -29.08
C MET A 133 -21.85 4.18 -28.15
N ASN A 134 -22.06 5.17 -27.28
CA ASN A 134 -23.15 5.15 -26.31
C ASN A 134 -23.12 3.92 -25.38
N TYR A 135 -21.93 3.58 -24.91
CA TYR A 135 -21.76 2.61 -23.85
C TYR A 135 -21.34 3.32 -22.56
N VAL A 136 -21.39 2.57 -21.47
CA VAL A 136 -21.04 3.07 -20.16
C VAL A 136 -20.16 2.00 -19.53
N HIS A 137 -19.05 2.42 -18.95
CA HIS A 137 -18.11 1.46 -18.40
C HIS A 137 -18.56 0.98 -17.04
N ARG A 138 -18.87 1.92 -16.14
CA ARG A 138 -19.35 1.67 -14.76
C ARG A 138 -18.28 1.35 -13.72
N ASP A 139 -17.03 1.11 -14.13
CA ASP A 139 -15.96 0.71 -13.20
C ASP A 139 -14.58 1.19 -13.67
N LEU A 140 -14.56 2.43 -14.12
CA LEU A 140 -13.35 3.13 -14.49
C LEU A 140 -12.54 3.42 -13.23
N ARG A 141 -11.32 2.90 -13.21
CA ARG A 141 -10.36 3.20 -12.16
C ARG A 141 -9.04 2.55 -12.53
N ALA A 142 -7.99 2.94 -11.82
CA ALA A 142 -6.64 2.52 -12.17
C ALA A 142 -6.52 0.99 -12.24
N ALA A 143 -7.21 0.27 -11.36
CA ALA A 143 -7.09 -1.19 -11.33
C ALA A 143 -7.69 -1.83 -12.59
N ASN A 144 -8.54 -1.08 -13.31
CA ASN A 144 -9.12 -1.58 -14.54
C ASN A 144 -8.52 -0.98 -15.81
N ILE A 145 -7.36 -0.31 -15.67
CA ILE A 145 -6.55 0.05 -16.83
C ILE A 145 -5.31 -0.85 -16.86
N LEU A 146 -4.85 -1.19 -18.06
CA LEU A 146 -3.66 -2.02 -18.25
C LEU A 146 -2.57 -1.22 -18.98
N VAL A 147 -1.31 -1.53 -18.67
CA VAL A 147 -0.19 -0.80 -19.22
C VAL A 147 0.67 -1.72 -20.05
N GLY A 148 1.05 -1.26 -21.24
CA GLY A 148 1.96 -1.99 -22.12
C GLY A 148 3.33 -1.33 -22.21
N GLU A 149 4.06 -1.63 -23.27
CA GLU A 149 5.35 -1.01 -23.51
C GLU A 149 5.15 0.46 -23.87
N ASN A 150 6.16 1.27 -23.59
CA ASN A 150 6.19 2.67 -24.01
C ASN A 150 5.05 3.47 -23.38
N LEU A 151 4.67 3.10 -22.15
CA LEU A 151 3.59 3.71 -21.42
C LEU A 151 2.23 3.68 -22.14
N VAL A 152 2.02 2.76 -23.08
CA VAL A 152 0.71 2.62 -23.68
C VAL A 152 -0.28 2.17 -22.59
N CYS A 153 -1.43 2.83 -22.50
CA CYS A 153 -2.48 2.52 -21.50
C CYS A 153 -3.79 2.18 -22.19
N LYS A 154 -4.46 1.13 -21.74
CA LYS A 154 -5.73 0.71 -22.33
C LYS A 154 -6.80 0.40 -21.27
N VAL A 155 -8.03 0.76 -21.60
CA VAL A 155 -9.19 0.51 -20.75
C VAL A 155 -9.54 -0.96 -20.87
N ALA A 156 -9.82 -1.58 -19.72
CA ALA A 156 -10.07 -3.02 -19.64
C ALA A 156 -11.31 -3.29 -18.79
N ASP A 157 -11.68 -4.57 -18.72
CA ASP A 157 -12.70 -5.07 -17.80
C ASP A 157 -14.05 -4.40 -17.99
N PHE A 158 -14.83 -4.89 -18.94
CA PHE A 158 -16.21 -4.43 -19.13
C PHE A 158 -17.24 -5.38 -18.51
N GLY A 159 -16.82 -6.20 -17.54
CA GLY A 159 -17.71 -7.17 -16.91
C GLY A 159 -18.95 -6.52 -16.33
N LEU A 160 -18.78 -5.28 -15.85
CA LEU A 160 -19.90 -4.47 -15.34
C LEU A 160 -20.65 -3.77 -16.49
N ALA A 161 -19.91 -3.27 -17.48
CA ALA A 161 -20.47 -2.51 -18.61
C ALA A 161 -21.47 -3.30 -19.46
N PRO A 178 -17.32 -0.17 -5.42
CA PRO A 178 -16.26 0.80 -5.31
C PRO A 178 -16.86 2.20 -5.19
N ILE A 179 -17.45 2.47 -4.02
CA ILE A 179 -18.05 3.76 -3.73
C ILE A 179 -17.08 4.95 -3.95
N LYS A 180 -15.81 4.78 -3.60
CA LYS A 180 -14.85 5.90 -3.71
C LYS A 180 -14.66 6.37 -5.16
N TRP A 181 -14.92 5.52 -6.14
CA TRP A 181 -14.81 5.88 -7.56
C TRP A 181 -16.12 6.20 -8.27
N THR A 182 -17.26 5.95 -7.60
CA THR A 182 -18.54 6.05 -8.26
C THR A 182 -19.20 7.40 -7.97
N ALA A 183 -19.77 8.01 -9.01
CA ALA A 183 -20.53 9.24 -8.86
C ALA A 183 -21.75 9.03 -7.92
N PRO A 184 -22.07 10.05 -7.10
CA PRO A 184 -23.18 10.04 -6.16
C PRO A 184 -24.49 9.51 -6.76
N GLU A 185 -24.91 10.08 -7.88
CA GLU A 185 -26.18 9.71 -8.46
C GLU A 185 -26.21 8.23 -8.87
N ALA A 186 -25.04 7.67 -9.16
CA ALA A 186 -24.89 6.26 -9.54
C ALA A 186 -24.91 5.39 -8.29
N ALA A 187 -24.04 5.72 -7.35
CA ALA A 187 -23.96 5.03 -6.06
C ALA A 187 -25.30 5.03 -5.29
N LEU A 188 -26.01 6.15 -5.30
CA LEU A 188 -27.21 6.30 -4.48
C LEU A 188 -28.48 5.82 -5.20
N TYR A 189 -28.63 6.18 -6.47
CA TYR A 189 -29.87 6.01 -7.21
C TYR A 189 -29.76 5.12 -8.47
N GLY A 190 -28.58 4.59 -8.74
CA GLY A 190 -28.37 3.69 -9.87
C GLY A 190 -28.33 4.37 -11.22
N ARG A 191 -28.12 5.69 -11.23
CA ARG A 191 -28.06 6.44 -12.49
C ARG A 191 -26.65 6.38 -13.10
N PHE A 192 -26.32 5.25 -13.70
CA PHE A 192 -25.04 5.10 -14.40
C PHE A 192 -25.14 5.63 -15.82
N THR A 193 -24.27 6.56 -16.16
CA THR A 193 -24.19 7.15 -17.49
C THR A 193 -22.72 7.41 -17.80
N ILE A 194 -22.43 7.84 -19.03
CA ILE A 194 -21.09 8.24 -19.41
C ILE A 194 -20.60 9.38 -18.49
N LYS A 195 -21.54 10.19 -17.98
CA LYS A 195 -21.22 11.28 -17.05
C LYS A 195 -20.82 10.76 -15.67
N SER A 196 -21.31 9.58 -15.27
CA SER A 196 -20.78 8.97 -14.03
C SER A 196 -19.38 8.40 -14.27
N ASP A 197 -19.11 7.96 -15.50
CA ASP A 197 -17.75 7.55 -15.85
C ASP A 197 -16.80 8.75 -15.75
N VAL A 198 -17.23 9.91 -16.21
CA VAL A 198 -16.39 11.10 -16.11
C VAL A 198 -16.01 11.39 -14.67
N TRP A 199 -16.95 11.19 -13.73
CA TRP A 199 -16.68 11.37 -12.31
C TRP A 199 -15.57 10.44 -11.89
N SER A 200 -15.66 9.18 -12.30
CA SER A 200 -14.64 8.18 -11.97
C SER A 200 -13.30 8.55 -12.55
N PHE A 201 -13.32 9.04 -13.81
CA PHE A 201 -12.09 9.49 -14.45
C PHE A 201 -11.44 10.57 -13.61
N GLY A 202 -12.26 11.41 -12.98
CA GLY A 202 -11.74 12.46 -12.09
C GLY A 202 -11.03 11.89 -10.89
N ILE A 203 -11.62 10.86 -10.30
CA ILE A 203 -10.96 10.13 -9.22
C ILE A 203 -9.66 9.45 -9.75
N LEU A 204 -9.70 9.00 -10.99
CA LEU A 204 -8.55 8.27 -11.58
C LEU A 204 -7.36 9.21 -11.78
N LEU A 205 -7.65 10.49 -12.03
CA LEU A 205 -6.65 11.52 -12.08
C LEU A 205 -5.93 11.67 -10.76
N THR A 206 -6.62 11.44 -9.63
CA THR A 206 -5.96 11.50 -8.33
CA THR A 206 -5.98 11.51 -8.32
C THR A 206 -5.08 10.28 -8.13
N GLU A 207 -5.52 9.12 -8.63
CA GLU A 207 -4.70 7.94 -8.51
C GLU A 207 -3.41 8.21 -9.26
N LEU A 208 -3.53 8.79 -10.45
CA LEU A 208 -2.37 9.04 -11.27
C LEU A 208 -1.41 10.00 -10.56
N THR A 209 -1.96 11.09 -10.00
CA THR A 209 -1.13 12.14 -9.44
C THR A 209 -0.60 11.84 -8.02
N THR A 210 -1.22 10.89 -7.31
CA THR A 210 -0.66 10.45 -6.01
C THR A 210 0.13 9.13 -6.14
N LYS A 211 0.46 8.73 -7.37
CA LYS A 211 1.13 7.45 -7.62
C LYS A 211 0.32 6.25 -7.09
N GLY A 212 -1.00 6.36 -7.11
CA GLY A 212 -1.85 5.23 -6.88
C GLY A 212 -2.30 5.02 -5.45
N ARG A 213 -2.34 6.09 -4.67
CA ARG A 213 -2.94 6.03 -3.34
C ARG A 213 -4.45 5.93 -3.44
N VAL A 214 -5.05 5.20 -2.51
CA VAL A 214 -6.51 5.08 -2.47
C VAL A 214 -7.06 6.49 -2.22
N PRO A 215 -8.08 6.92 -2.98
CA PRO A 215 -8.66 8.25 -2.76
C PRO A 215 -9.39 8.40 -1.42
N TYR A 216 -9.61 9.65 -1.02
CA TYR A 216 -10.22 9.98 0.27
C TYR A 216 -9.47 9.30 1.43
N PRO A 217 -8.15 9.57 1.57
CA PRO A 217 -7.35 8.83 2.54
C PRO A 217 -7.85 9.04 3.96
N GLY A 218 -7.95 7.95 4.72
CA GLY A 218 -8.46 8.00 6.08
C GLY A 218 -9.98 8.04 6.19
N MET A 219 -10.68 7.91 5.07
CA MET A 219 -12.14 7.94 5.06
C MET A 219 -12.72 6.58 4.70
N VAL A 220 -13.67 6.11 5.50
CA VAL A 220 -14.38 4.88 5.20
C VAL A 220 -15.50 5.23 4.24
N ASN A 221 -16.01 4.22 3.54
CA ASN A 221 -17.06 4.42 2.53
C ASN A 221 -18.21 5.34 2.94
N ARG A 222 -18.82 5.07 4.10
CA ARG A 222 -19.98 5.81 4.59
C ARG A 222 -19.65 7.28 4.81
N GLU A 223 -18.44 7.57 5.27
CA GLU A 223 -18.00 8.93 5.51
C GLU A 223 -17.73 9.67 4.18
N VAL A 224 -17.34 8.92 3.14
CA VAL A 224 -17.14 9.49 1.80
C VAL A 224 -18.44 9.98 1.18
N LEU A 225 -19.48 9.16 1.31
CA LEU A 225 -20.82 9.47 0.77
C LEU A 225 -21.46 10.69 1.42
N ASP A 226 -21.31 10.82 2.74
CA ASP A 226 -21.91 11.96 3.42
C ASP A 226 -21.11 13.20 3.11
N GLN A 227 -19.79 13.09 3.13
CA GLN A 227 -18.94 14.23 2.83
C GLN A 227 -19.13 14.72 1.41
N VAL A 228 -19.17 13.81 0.44
CA VAL A 228 -19.30 14.19 -0.97
C VAL A 228 -20.61 14.91 -1.26
N GLU A 229 -21.71 14.38 -0.73
CA GLU A 229 -23.03 15.02 -0.87
C GLU A 229 -23.11 16.40 -0.16
N ARG A 230 -22.36 16.55 0.93
CA ARG A 230 -22.26 17.84 1.62
C ARG A 230 -21.31 18.82 0.90
N GLY A 231 -20.71 18.39 -0.21
CA GLY A 231 -19.90 19.26 -1.06
C GLY A 231 -18.39 19.09 -0.93
N TYR A 232 -17.95 18.05 -0.22
CA TYR A 232 -16.52 17.79 -0.09
C TYR A 232 -15.94 17.25 -1.39
N ARG A 233 -14.75 17.72 -1.73
CA ARG A 233 -13.96 17.19 -2.83
C ARG A 233 -12.51 17.14 -2.39
N MET A 234 -11.76 16.15 -2.87
CA MET A 234 -10.35 16.01 -2.52
C MET A 234 -9.59 17.26 -2.91
N PRO A 235 -8.65 17.71 -2.08
CA PRO A 235 -7.88 18.89 -2.40
C PRO A 235 -6.86 18.61 -3.47
N CYS A 236 -6.15 19.64 -3.88
CA CYS A 236 -5.07 19.51 -4.83
C CYS A 236 -3.99 18.56 -4.24
N PRO A 237 -3.68 17.45 -4.95
CA PRO A 237 -2.57 16.59 -4.53
C PRO A 237 -1.25 17.34 -4.48
N PRO A 238 -0.33 16.91 -3.61
CA PRO A 238 0.96 17.61 -3.51
C PRO A 238 1.73 17.69 -4.86
N GLU A 239 2.14 18.89 -5.23
CA GLU A 239 2.80 19.20 -6.50
C GLU A 239 1.96 19.04 -7.75
N CYS A 240 0.65 18.83 -7.60
CA CYS A 240 -0.22 18.80 -8.76
C CYS A 240 -0.56 20.26 -9.08
N PRO A 241 -0.33 20.71 -10.33
CA PRO A 241 -0.73 22.09 -10.70
C PRO A 241 -2.22 22.36 -10.48
N GLU A 242 -2.58 23.55 -10.03
CA GLU A 242 -3.98 23.86 -9.74
C GLU A 242 -4.89 23.62 -10.96
N SER A 243 -4.35 23.89 -12.16
CA SER A 243 -5.05 23.66 -13.41
C SER A 243 -5.52 22.24 -13.60
N LEU A 244 -4.74 21.25 -13.18
CA LEU A 244 -5.18 19.86 -13.28
C LEU A 244 -6.22 19.53 -12.22
N HIS A 245 -6.13 20.14 -11.04
CA HIS A 245 -7.11 19.91 -9.99
C HIS A 245 -8.44 20.53 -10.34
N ASP A 246 -8.43 21.69 -10.99
CA ASP A 246 -9.66 22.28 -11.54
C ASP A 246 -10.38 21.30 -12.48
N LEU A 247 -9.63 20.61 -13.33
CA LEU A 247 -10.20 19.59 -14.22
C LEU A 247 -10.81 18.46 -13.41
N MET A 248 -10.16 18.09 -12.31
CA MET A 248 -10.75 17.09 -11.43
C MET A 248 -12.09 17.60 -10.92
N CYS A 249 -12.10 18.83 -10.41
CA CYS A 249 -13.33 19.44 -9.90
C CYS A 249 -14.44 19.56 -10.94
N GLN A 250 -14.08 19.77 -12.21
CA GLN A 250 -15.07 19.77 -13.28
C GLN A 250 -15.71 18.39 -13.43
N CYS A 251 -14.90 17.33 -13.29
CA CYS A 251 -15.40 15.97 -13.34
C CYS A 251 -16.29 15.66 -12.13
N TRP A 252 -16.11 16.37 -11.02
CA TRP A 252 -16.92 16.12 -9.82
C TRP A 252 -18.06 17.08 -9.57
N ARG A 253 -18.57 17.74 -10.59
CA ARG A 253 -19.72 18.63 -10.39
C ARG A 253 -20.96 17.83 -9.94
N LYS A 254 -21.71 18.39 -8.97
CA LYS A 254 -22.91 17.73 -8.43
C LYS A 254 -23.82 17.30 -9.56
N ASP A 255 -24.06 18.20 -10.50
CA ASP A 255 -24.90 17.90 -11.65
C ASP A 255 -24.14 17.20 -12.78
N PRO A 256 -24.55 15.97 -13.13
CA PRO A 256 -23.81 15.22 -14.17
C PRO A 256 -23.70 15.93 -15.52
N GLU A 257 -24.74 16.68 -15.88
CA GLU A 257 -24.81 17.39 -17.16
C GLU A 257 -23.73 18.48 -17.31
N GLU A 258 -23.28 19.05 -16.19
CA GLU A 258 -22.28 20.11 -16.25
C GLU A 258 -20.85 19.56 -16.23
N ARG A 259 -20.68 18.25 -16.12
CA ARG A 259 -19.35 17.62 -16.24
C ARG A 259 -18.93 17.52 -17.70
N PRO A 260 -17.62 17.70 -17.95
CA PRO A 260 -17.11 17.65 -19.31
C PRO A 260 -17.26 16.30 -19.99
N THR A 261 -17.17 16.30 -21.32
CA THR A 261 -17.17 15.08 -22.11
C THR A 261 -15.78 14.46 -22.16
N PHE A 262 -15.72 13.20 -22.55
CA PHE A 262 -14.43 12.55 -22.73
C PHE A 262 -13.67 13.18 -23.91
N GLU A 263 -14.42 13.54 -24.95
CA GLU A 263 -13.86 14.28 -26.10
C GLU A 263 -13.12 15.51 -25.59
N TYR A 264 -13.77 16.27 -24.71
CA TYR A 264 -13.16 17.46 -24.13
C TYR A 264 -11.92 17.07 -23.29
N LEU A 265 -12.10 16.11 -22.38
CA LEU A 265 -11.00 15.65 -21.53
C LEU A 265 -9.79 15.19 -22.36
N GLN A 266 -10.05 14.45 -23.45
CA GLN A 266 -8.97 14.01 -24.30
C GLN A 266 -8.14 15.18 -24.86
N ALA A 267 -8.82 16.17 -25.44
CA ALA A 267 -8.16 17.31 -26.05
C ALA A 267 -7.35 18.15 -25.04
N PHE A 268 -7.97 18.42 -23.89
CA PHE A 268 -7.34 19.19 -22.80
C PHE A 268 -6.01 18.54 -22.34
N LEU A 269 -6.08 17.24 -22.09
CA LEU A 269 -4.92 16.50 -21.59
C LEU A 269 -3.86 16.38 -22.67
N GLU A 270 -4.26 16.03 -23.90
CA GLU A 270 -3.31 16.03 -25.01
C GLU A 270 -2.55 17.35 -25.15
N ASP A 271 -3.24 18.48 -25.00
CA ASP A 271 -2.65 19.79 -25.27
C ASP A 271 -2.03 20.43 -24.02
N TYR A 272 -2.04 19.70 -22.90
CA TYR A 272 -1.84 20.30 -21.58
C TYR A 272 -0.59 21.15 -21.50
N PHE A 273 0.53 20.61 -21.96
CA PHE A 273 1.79 21.28 -21.69
C PHE A 273 2.10 22.45 -22.61
N THR A 274 1.23 22.68 -23.60
CA THR A 274 1.30 23.91 -24.39
C THR A 274 0.23 24.93 -24.00
N SER A 275 -1.03 24.49 -23.97
CA SER A 275 -2.17 25.40 -23.77
C SER A 275 -2.46 25.81 -22.33
N THR A 276 -2.11 24.97 -21.36
CA THR A 276 -2.56 25.18 -19.97
C THR A 276 -1.41 25.40 -19.00
N GLU A 277 -0.38 24.57 -19.13
CA GLU A 277 0.77 24.65 -18.25
C GLU A 277 2.08 24.68 -19.06
N PRO A 278 2.28 25.75 -19.85
CA PRO A 278 3.48 25.87 -20.67
C PRO A 278 4.74 26.19 -19.86
N GLN A 279 4.58 26.58 -18.60
CA GLN A 279 5.71 26.93 -17.74
C GLN A 279 5.99 25.84 -16.70
N TYR A 280 5.43 24.65 -16.92
CA TYR A 280 5.65 23.51 -16.05
C TYR A 280 7.15 23.22 -15.82
N GLN A 281 7.51 23.02 -14.55
CA GLN A 281 8.87 22.66 -14.13
C GLN A 281 8.82 21.31 -13.41
N PRO A 282 9.75 20.39 -13.73
CA PRO A 282 9.84 19.18 -12.91
C PRO A 282 10.11 19.48 -11.43
N GLY A 283 9.47 18.71 -10.55
CA GLY A 283 9.69 18.79 -9.12
C GLY A 283 10.25 17.49 -8.59
N GLU A 284 10.04 17.26 -7.28
CA GLU A 284 10.55 16.06 -6.63
C GLU A 284 9.75 14.82 -7.03
N ASN A 285 8.42 14.91 -7.00
CA ASN A 285 7.55 13.77 -7.31
C ASN A 285 6.76 13.87 -8.60
N LEU A 286 6.31 15.08 -8.95
CA LEU A 286 5.51 15.34 -10.16
C LEU A 286 6.21 16.37 -11.04
N ALA B 9 26.53 21.03 32.52
CA ALA B 9 25.92 22.01 31.58
C ALA B 9 24.73 21.38 30.80
N LYS B 10 23.53 21.45 31.38
CA LYS B 10 22.36 20.67 30.91
C LYS B 10 21.48 21.41 29.90
N ASP B 11 20.61 20.68 29.20
CA ASP B 11 19.65 21.27 28.27
C ASP B 11 18.21 21.31 28.83
N ALA B 12 17.27 21.80 28.01
CA ALA B 12 15.89 22.04 28.46
C ALA B 12 15.05 20.78 28.69
N TRP B 13 15.58 19.62 28.34
CA TRP B 13 14.94 18.35 28.66
C TRP B 13 15.12 17.96 30.10
N GLU B 14 16.12 18.55 30.75
CA GLU B 14 16.49 18.18 32.11
C GLU B 14 15.42 18.59 33.11
N ILE B 15 15.18 17.72 34.08
CA ILE B 15 14.21 17.94 35.15
C ILE B 15 14.87 17.52 36.46
N PRO B 16 14.36 18.02 37.59
CA PRO B 16 14.91 17.56 38.86
C PRO B 16 14.49 16.13 39.17
N ARG B 17 15.33 15.39 39.89
CA ARG B 17 15.02 14.01 40.23
C ARG B 17 13.85 13.92 41.21
N GLU B 18 13.66 14.97 42.00
CA GLU B 18 12.56 15.04 42.96
C GLU B 18 11.17 15.09 42.31
N SER B 19 11.12 15.48 41.04
CA SER B 19 9.83 15.60 40.32
C SER B 19 9.26 14.26 39.85
N LEU B 20 10.03 13.18 40.00
CA LEU B 20 9.59 11.84 39.61
C LEU B 20 9.30 10.94 40.82
N ARG B 21 8.15 10.27 40.81
CA ARG B 21 7.89 9.16 41.73
C ARG B 21 7.80 7.86 40.93
N LEU B 22 8.62 6.88 41.30
CA LEU B 22 8.63 5.59 40.61
C LEU B 22 7.72 4.63 41.36
N GLU B 23 6.59 4.27 40.75
CA GLU B 23 5.52 3.54 41.45
C GLU B 23 5.57 2.03 41.26
N VAL B 24 5.39 1.57 40.02
CA VAL B 24 5.33 0.14 39.73
C VAL B 24 6.43 -0.24 38.76
N LYS B 25 7.20 -1.27 39.10
CA LYS B 25 8.23 -1.82 38.19
C LYS B 25 7.53 -2.58 37.07
N LEU B 26 7.97 -2.36 35.83
CA LEU B 26 7.36 -2.98 34.65
C LEU B 26 8.26 -3.97 33.91
N GLY B 27 9.56 -3.90 34.13
CA GLY B 27 10.47 -4.85 33.49
C GLY B 27 11.94 -4.61 33.80
N GLN B 28 12.72 -5.69 33.80
CA GLN B 28 14.16 -5.62 33.99
C GLN B 28 14.85 -6.01 32.68
N GLY B 29 16.15 -5.77 32.60
CA GLY B 29 16.92 -6.09 31.39
C GLY B 29 18.42 -5.88 31.53
N CYS B 30 19.14 -6.01 30.41
CA CYS B 30 20.58 -5.81 30.37
C CYS B 30 20.95 -4.36 30.68
N PHE B 31 20.19 -3.42 30.11
CA PHE B 31 20.37 -2.00 30.38
C PHE B 31 20.10 -1.66 31.84
N GLY B 32 18.86 -1.86 32.27
CA GLY B 32 18.44 -1.55 33.64
C GLY B 32 16.99 -1.90 33.88
N GLU B 33 16.17 -0.90 34.21
CA GLU B 33 14.77 -1.14 34.60
C GLU B 33 13.81 -0.18 33.88
N VAL B 34 12.53 -0.53 33.88
CA VAL B 34 11.47 0.36 33.39
C VAL B 34 10.33 0.42 34.40
N TRP B 35 9.90 1.64 34.73
CA TRP B 35 8.89 1.87 35.77
C TRP B 35 7.75 2.72 35.28
N MET B 36 6.54 2.44 35.75
CA MET B 36 5.44 3.39 35.65
C MET B 36 5.58 4.38 36.79
N GLY B 37 5.37 5.67 36.52
CA GLY B 37 5.51 6.70 37.56
C GLY B 37 4.63 7.92 37.36
N THR B 38 4.80 8.90 38.24
CA THR B 38 4.14 10.21 38.13
C THR B 38 5.22 11.30 38.02
N TRP B 39 4.90 12.37 37.31
CA TRP B 39 5.83 13.46 37.02
C TRP B 39 5.16 14.74 37.38
N ASN B 40 5.84 15.57 38.19
CA ASN B 40 5.28 16.81 38.75
C ASN B 40 3.99 16.59 39.57
N GLY B 41 3.78 15.36 40.02
CA GLY B 41 2.60 14.99 40.81
C GLY B 41 1.28 14.88 40.07
N THR B 42 1.29 15.02 38.75
CA THR B 42 0.07 15.13 37.96
C THR B 42 0.01 14.19 36.75
N THR B 43 1.15 13.92 36.12
CA THR B 43 1.17 13.32 34.79
C THR B 43 1.81 11.91 34.76
N ARG B 44 1.02 10.91 34.35
CA ARG B 44 1.47 9.51 34.30
C ARG B 44 2.54 9.33 33.22
N VAL B 45 3.65 8.69 33.61
CA VAL B 45 4.82 8.54 32.76
C VAL B 45 5.41 7.15 32.87
N ALA B 46 6.29 6.82 31.94
CA ALA B 46 7.16 5.66 32.03
C ALA B 46 8.59 6.14 32.19
N ILE B 47 9.37 5.44 33.00
CA ILE B 47 10.75 5.84 33.31
C ILE B 47 11.72 4.65 33.11
N LYS B 48 12.68 4.80 32.18
CA LYS B 48 13.82 3.87 32.05
C LYS B 48 15.02 4.35 32.87
N THR B 49 15.59 3.46 33.70
CA THR B 49 16.74 3.82 34.53
C THR B 49 18.10 3.48 33.89
N PRO B 57 28.09 10.62 32.13
CA PRO B 57 27.16 11.73 31.93
C PRO B 57 27.62 12.72 30.85
N GLU B 58 28.92 12.99 30.77
CA GLU B 58 29.49 13.83 29.71
C GLU B 58 29.31 13.18 28.33
N ALA B 59 29.49 11.86 28.27
CA ALA B 59 29.33 11.09 27.04
C ALA B 59 27.86 11.03 26.56
N PHE B 60 26.92 11.04 27.51
CA PHE B 60 25.50 10.87 27.19
C PHE B 60 24.84 12.12 26.59
N LEU B 61 25.29 13.30 27.02
CA LEU B 61 24.82 14.55 26.40
C LEU B 61 25.03 14.44 24.87
N GLN B 62 26.21 13.96 24.50
CA GLN B 62 26.60 13.78 23.09
C GLN B 62 25.82 12.67 22.36
N GLU B 63 25.59 11.56 23.07
CA GLU B 63 24.85 10.42 22.50
C GLU B 63 23.34 10.70 22.42
N ALA B 64 22.82 11.49 23.36
CA ALA B 64 21.37 11.68 23.48
C ALA B 64 20.75 12.49 22.35
N GLN B 65 21.56 13.29 21.65
CA GLN B 65 21.05 14.26 20.68
C GLN B 65 20.15 13.65 19.59
N VAL B 66 20.26 12.34 19.35
CA VAL B 66 19.44 11.65 18.34
C VAL B 66 17.99 11.41 18.78
N MET B 67 17.80 10.91 20.00
CA MET B 67 16.45 10.61 20.50
C MET B 67 15.67 11.85 20.96
N LYS B 68 16.40 12.90 21.34
CA LYS B 68 15.79 14.19 21.68
C LYS B 68 15.26 14.90 20.43
N LYS B 69 15.90 14.68 19.29
CA LYS B 69 15.59 15.41 18.08
C LYS B 69 14.38 14.82 17.37
N LEU B 70 14.16 13.52 17.51
CA LEU B 70 13.06 12.85 16.82
C LEU B 70 11.73 13.06 17.54
N ARG B 71 10.71 13.41 16.77
CA ARG B 71 9.37 13.70 17.29
C ARG B 71 8.33 13.31 16.23
N HIS B 72 7.46 12.37 16.57
CA HIS B 72 6.48 11.86 15.63
C HIS B 72 5.41 11.11 16.39
N GLU B 73 4.19 11.11 15.87
CA GLU B 73 3.07 10.47 16.58
C GLU B 73 3.21 8.94 16.75
N LYS B 74 4.10 8.32 15.97
CA LYS B 74 4.33 6.89 16.03
C LYS B 74 5.71 6.54 16.58
N LEU B 75 6.40 7.51 17.18
CA LEU B 75 7.53 7.20 18.05
C LEU B 75 7.13 7.51 19.48
N VAL B 76 7.49 6.61 20.41
CA VAL B 76 7.22 6.84 21.82
C VAL B 76 7.88 8.15 22.19
N GLN B 77 7.10 9.06 22.75
CA GLN B 77 7.50 10.44 22.91
C GLN B 77 8.34 10.65 24.14
N LEU B 78 9.49 11.28 23.98
CA LEU B 78 10.34 11.64 25.12
C LEU B 78 9.69 12.81 25.85
N TYR B 79 9.63 12.72 27.17
CA TYR B 79 9.09 13.79 28.00
C TYR B 79 10.21 14.56 28.71
N ALA B 80 11.19 13.85 29.25
CA ALA B 80 12.22 14.47 30.10
C ALA B 80 13.39 13.53 30.34
N VAL B 81 14.48 14.10 30.86
CA VAL B 81 15.70 13.34 31.12
C VAL B 81 16.36 13.79 32.44
N VAL B 82 17.00 12.85 33.14
CA VAL B 82 17.88 13.14 34.27
C VAL B 82 19.28 12.62 33.94
N SER B 83 20.20 13.54 33.69
CA SER B 83 21.51 13.23 33.10
C SER B 83 22.62 12.99 34.13
N GLU B 84 22.26 12.66 35.36
CA GLU B 84 23.23 12.28 36.38
C GLU B 84 22.96 10.83 36.78
N GLU B 85 24.03 10.04 36.94
CA GLU B 85 23.90 8.64 37.31
C GLU B 85 23.25 8.52 38.70
N PRO B 86 22.25 7.65 38.85
CA PRO B 86 21.65 6.79 37.83
C PRO B 86 20.78 7.59 36.84
N ILE B 87 21.03 7.41 35.55
CA ILE B 87 20.38 8.19 34.51
C ILE B 87 18.93 7.69 34.29
N TYR B 88 18.00 8.63 34.13
CA TYR B 88 16.58 8.33 33.88
C TYR B 88 16.19 8.94 32.54
N ILE B 89 15.42 8.19 31.76
CA ILE B 89 14.74 8.73 30.58
C ILE B 89 13.24 8.57 30.79
N VAL B 90 12.50 9.68 30.64
CA VAL B 90 11.07 9.70 30.89
C VAL B 90 10.31 9.87 29.58
N THR B 91 9.34 9.00 29.34
CA THR B 91 8.55 9.00 28.11
C THR B 91 7.07 8.89 28.44
N GLU B 92 6.23 9.01 27.42
CA GLU B 92 4.81 8.72 27.57
C GLU B 92 4.58 7.27 28.05
N TYR B 93 3.43 7.03 28.65
CA TYR B 93 3.03 5.70 29.12
C TYR B 93 2.19 4.99 28.07
N MET B 94 2.60 3.80 27.65
CA MET B 94 1.83 3.02 26.69
C MET B 94 1.06 1.90 27.41
N SER B 95 -0.24 2.08 27.48
CA SER B 95 -1.10 1.30 28.38
C SER B 95 -1.15 -0.21 28.14
N LYS B 96 -0.75 -0.71 26.97
CA LYS B 96 -0.85 -2.17 26.69
C LYS B 96 0.48 -2.89 26.58
N GLY B 97 1.55 -2.21 26.96
CA GLY B 97 2.87 -2.86 27.04
C GLY B 97 3.45 -3.15 25.66
N SER B 98 4.35 -4.14 25.61
CA SER B 98 5.05 -4.43 24.38
C SER B 98 4.11 -5.12 23.41
N LEU B 99 4.37 -4.92 22.11
CA LEU B 99 3.59 -5.57 21.06
C LEU B 99 3.74 -7.10 21.12
N LEU B 100 4.95 -7.55 21.44
CA LEU B 100 5.23 -8.98 21.60
C LEU B 100 4.31 -9.64 22.63
N ASP B 101 4.21 -9.02 23.82
CA ASP B 101 3.31 -9.48 24.89
C ASP B 101 1.85 -9.40 24.45
N PHE B 102 1.49 -8.30 23.80
CA PHE B 102 0.14 -8.13 23.32
C PHE B 102 -0.24 -9.26 22.36
N LEU B 103 0.61 -9.50 21.35
CA LEU B 103 0.35 -10.57 20.38
C LEU B 103 0.23 -11.96 21.01
N LYS B 104 1.12 -12.28 21.95
CA LYS B 104 1.14 -13.60 22.61
C LYS B 104 0.02 -13.74 23.64
N GLY B 105 -0.40 -12.64 24.25
CA GLY B 105 -1.41 -12.67 25.30
C GLY B 105 -2.83 -12.95 24.84
N GLU B 106 -3.78 -12.62 25.72
CA GLU B 106 -5.18 -12.92 25.56
C GLU B 106 -5.85 -12.17 24.41
N MET B 107 -5.29 -11.04 24.00
CA MET B 107 -5.78 -10.29 22.83
C MET B 107 -5.42 -10.97 21.51
N GLY B 108 -4.21 -11.53 21.45
CA GLY B 108 -3.69 -12.16 20.24
C GLY B 108 -4.68 -13.00 19.48
N LYS B 109 -5.49 -13.74 20.21
CA LYS B 109 -6.40 -14.69 19.64
C LYS B 109 -7.49 -14.06 18.76
N TYR B 110 -7.80 -12.79 19.01
CA TYR B 110 -8.88 -12.10 18.26
C TYR B 110 -8.38 -11.20 17.14
N LEU B 111 -7.08 -10.88 17.18
CA LEU B 111 -6.46 -10.11 16.12
C LEU B 111 -6.55 -10.89 14.80
N ARG B 112 -7.07 -10.20 13.79
CA ARG B 112 -7.12 -10.71 12.43
C ARG B 112 -6.27 -9.81 11.55
N LEU B 113 -6.10 -10.23 10.30
CA LEU B 113 -5.23 -9.53 9.35
C LEU B 113 -5.49 -8.02 9.27
N PRO B 114 -6.77 -7.59 9.25
CA PRO B 114 -6.99 -6.13 9.20
C PRO B 114 -6.37 -5.39 10.38
N GLN B 115 -6.45 -5.93 11.59
CA GLN B 115 -5.85 -5.23 12.72
C GLN B 115 -4.35 -5.28 12.63
N LEU B 116 -3.81 -6.44 12.24
CA LEU B 116 -2.35 -6.61 12.25
C LEU B 116 -1.67 -5.76 11.16
N VAL B 117 -2.28 -5.66 9.99
CA VAL B 117 -1.73 -4.86 8.91
C VAL B 117 -1.77 -3.38 9.27
N ASP B 118 -2.85 -2.97 9.93
CA ASP B 118 -2.98 -1.59 10.41
C ASP B 118 -1.92 -1.28 11.46
N MET B 119 -1.59 -2.26 12.29
CA MET B 119 -0.50 -2.11 13.27
C MET B 119 0.84 -1.96 12.54
N ALA B 120 1.06 -2.81 11.55
CA ALA B 120 2.25 -2.77 10.73
C ALA B 120 2.40 -1.42 10.03
N ALA B 121 1.28 -0.87 9.57
CA ALA B 121 1.26 0.41 8.88
C ALA B 121 1.74 1.54 9.80
N GLN B 122 1.33 1.52 11.05
CA GLN B 122 1.72 2.56 12.00
C GLN B 122 3.22 2.48 12.27
N ILE B 123 3.70 1.26 12.46
CA ILE B 123 5.12 1.05 12.72
C ILE B 123 5.93 1.56 11.52
N ALA B 124 5.43 1.25 10.31
CA ALA B 124 6.01 1.72 9.06
C ALA B 124 5.98 3.23 8.96
N SER B 125 4.94 3.86 9.50
CA SER B 125 4.83 5.32 9.52
C SER B 125 5.93 5.93 10.39
N GLY B 126 6.09 5.42 11.60
CA GLY B 126 7.17 5.89 12.47
C GLY B 126 8.55 5.71 11.83
N MET B 127 8.76 4.56 11.20
CA MET B 127 10.03 4.23 10.58
C MET B 127 10.25 5.03 9.32
N ALA B 128 9.16 5.42 8.66
CA ALA B 128 9.26 6.32 7.50
C ALA B 128 9.74 7.70 7.93
N TYR B 129 9.39 8.11 9.14
CA TYR B 129 9.89 9.37 9.69
C TYR B 129 11.37 9.26 10.02
N VAL B 130 11.75 8.16 10.66
CA VAL B 130 13.15 7.88 10.93
C VAL B 130 13.97 7.90 9.64
N GLU B 131 13.36 7.39 8.57
CA GLU B 131 13.96 7.31 7.24
C GLU B 131 14.17 8.70 6.64
N ARG B 132 13.13 9.53 6.66
CA ARG B 132 13.21 10.92 6.21
C ARG B 132 14.28 11.73 6.94
N MET B 133 14.51 11.41 8.22
CA MET B 133 15.49 12.10 9.04
C MET B 133 16.91 11.50 8.93
N ASN B 134 17.07 10.45 8.14
CA ASN B 134 18.38 9.79 7.94
C ASN B 134 18.98 9.27 9.24
N TYR B 135 18.12 8.66 10.07
CA TYR B 135 18.55 7.89 11.23
C TYR B 135 18.32 6.39 11.00
N VAL B 136 18.86 5.58 11.91
CA VAL B 136 18.75 4.11 11.87
C VAL B 136 18.33 3.63 13.27
N HIS B 137 17.39 2.70 13.34
CA HIS B 137 16.92 2.19 14.62
C HIS B 137 17.84 1.16 15.19
N ARG B 138 18.15 0.14 14.39
CA ARG B 138 19.06 -0.97 14.76
C ARG B 138 18.45 -2.13 15.56
N ASP B 139 17.23 -1.97 16.08
CA ASP B 139 16.63 -3.02 16.91
C ASP B 139 15.10 -3.04 16.78
N LEU B 140 14.66 -2.95 15.53
CA LEU B 140 13.26 -3.05 15.21
C LEU B 140 12.79 -4.48 15.39
N ARG B 141 11.81 -4.66 16.25
CA ARG B 141 11.14 -5.95 16.44
C ARG B 141 10.00 -5.77 17.40
N ALA B 142 9.13 -6.77 17.48
CA ALA B 142 7.89 -6.64 18.23
C ALA B 142 8.14 -6.21 19.68
N ALA B 143 9.22 -6.70 20.27
CA ALA B 143 9.49 -6.42 21.69
C ALA B 143 9.84 -4.95 21.88
N ASN B 144 10.22 -4.26 20.82
CA ASN B 144 10.51 -2.83 20.89
C ASN B 144 9.44 -1.92 20.31
N ILE B 145 8.26 -2.47 20.05
CA ILE B 145 7.07 -1.66 19.73
C ILE B 145 6.15 -1.68 20.95
N LEU B 146 5.47 -0.57 21.22
CA LEU B 146 4.57 -0.47 22.36
C LEU B 146 3.16 -0.20 21.87
N VAL B 147 2.17 -0.69 22.63
CA VAL B 147 0.78 -0.60 22.24
C VAL B 147 0.07 0.27 23.26
N GLY B 148 -0.71 1.23 22.76
CA GLY B 148 -1.54 2.09 23.59
C GLY B 148 -3.02 1.76 23.38
N GLU B 149 -3.89 2.72 23.71
CA GLU B 149 -5.32 2.53 23.53
C GLU B 149 -5.64 2.54 22.03
N ASN B 150 -6.73 1.87 21.65
CA ASN B 150 -7.24 1.91 20.28
C ASN B 150 -6.25 1.31 19.29
N LEU B 151 -5.48 0.32 19.75
CA LEU B 151 -4.44 -0.34 18.98
C LEU B 151 -3.38 0.60 18.41
N VAL B 152 -3.19 1.76 19.02
CA VAL B 152 -2.12 2.63 18.62
C VAL B 152 -0.81 1.90 18.88
N CYS B 153 0.09 1.88 17.89
CA CYS B 153 1.40 1.26 18.02
C CYS B 153 2.48 2.32 17.81
N LYS B 154 3.51 2.30 18.65
CA LYS B 154 4.64 3.23 18.51
C LYS B 154 5.98 2.51 18.61
N VAL B 155 6.94 3.00 17.83
CA VAL B 155 8.30 2.51 17.85
C VAL B 155 8.97 3.07 19.09
N ALA B 156 9.69 2.20 19.82
CA ALA B 156 10.37 2.59 21.07
C ALA B 156 11.83 2.15 21.08
N ASP B 157 12.56 2.58 22.12
CA ASP B 157 13.89 2.08 22.44
C ASP B 157 14.89 2.30 21.30
N PHE B 158 15.48 3.50 21.25
CA PHE B 158 16.48 3.82 20.23
C PHE B 158 17.91 3.49 20.67
N GLY B 159 18.45 4.23 21.62
CA GLY B 159 19.80 4.01 22.11
C GLY B 159 19.97 2.64 22.73
N PRO B 178 20.32 -9.94 18.70
CA PRO B 178 19.12 -10.50 18.10
C PRO B 178 19.37 -10.81 16.62
N ILE B 179 20.18 -11.84 16.39
CA ILE B 179 20.53 -12.27 15.04
C ILE B 179 19.28 -12.56 14.17
N LYS B 180 18.23 -13.15 14.76
CA LYS B 180 17.06 -13.53 13.97
C LYS B 180 16.36 -12.33 13.32
N TRP B 181 16.52 -11.13 13.89
CA TRP B 181 15.93 -9.89 13.34
C TRP B 181 16.86 -9.00 12.54
N THR B 182 18.16 -9.29 12.55
CA THR B 182 19.14 -8.41 11.97
C THR B 182 19.50 -8.87 10.54
N ALA B 183 19.57 -7.91 9.62
CA ALA B 183 20.04 -8.19 8.27
C ALA B 183 21.47 -8.75 8.30
N PRO B 184 21.77 -9.70 7.39
CA PRO B 184 23.09 -10.29 7.20
C PRO B 184 24.26 -9.29 7.21
N GLU B 185 24.17 -8.27 6.38
CA GLU B 185 25.27 -7.32 6.26
C GLU B 185 25.50 -6.58 7.58
N ALA B 186 24.45 -6.45 8.40
CA ALA B 186 24.54 -5.78 9.70
C ALA B 186 25.12 -6.72 10.73
N ALA B 187 24.52 -7.90 10.83
CA ALA B 187 24.97 -8.96 11.72
C ALA B 187 26.43 -9.36 11.49
N LEU B 188 26.83 -9.45 10.23
CA LEU B 188 28.15 -9.96 9.91
C LEU B 188 29.22 -8.87 9.90
N TYR B 189 28.90 -7.73 9.27
CA TYR B 189 29.89 -6.71 8.95
C TYR B 189 29.64 -5.34 9.60
N GLY B 190 28.57 -5.23 10.38
CA GLY B 190 28.26 -3.99 11.11
C GLY B 190 27.68 -2.89 10.25
N ARG B 191 27.18 -3.24 9.07
CA ARG B 191 26.62 -2.24 8.17
C ARG B 191 25.12 -2.00 8.48
N PHE B 192 24.89 -1.24 9.55
CA PHE B 192 23.54 -0.87 9.93
C PHE B 192 23.09 0.37 9.16
N THR B 193 21.96 0.23 8.47
CA THR B 193 21.37 1.31 7.69
C THR B 193 19.87 1.18 7.81
N ILE B 194 19.14 2.17 7.28
CA ILE B 194 17.68 2.11 7.21
C ILE B 194 17.23 0.84 6.48
N LYS B 195 18.05 0.38 5.53
CA LYS B 195 17.76 -0.82 4.77
C LYS B 195 17.91 -2.08 5.63
N SER B 196 18.77 -2.07 6.65
CA SER B 196 18.80 -3.18 7.59
C SER B 196 17.57 -3.13 8.51
N ASP B 197 17.06 -1.93 8.80
CA ASP B 197 15.82 -1.82 9.54
C ASP B 197 14.67 -2.42 8.71
N VAL B 198 14.66 -2.20 7.41
CA VAL B 198 13.62 -2.76 6.53
C VAL B 198 13.60 -4.28 6.61
N TRP B 199 14.79 -4.89 6.69
CA TRP B 199 14.91 -6.33 6.87
C TRP B 199 14.21 -6.73 8.13
N SER B 200 14.48 -6.02 9.22
CA SER B 200 13.91 -6.33 10.52
C SER B 200 12.39 -6.18 10.47
N PHE B 201 11.94 -5.13 9.79
CA PHE B 201 10.51 -4.90 9.62
C PHE B 201 9.87 -6.11 8.95
N GLY B 202 10.60 -6.72 8.01
CA GLY B 202 10.14 -7.95 7.35
C GLY B 202 9.95 -9.09 8.31
N ILE B 203 10.92 -9.24 9.22
CA ILE B 203 10.80 -10.23 10.27
C ILE B 203 9.60 -9.89 11.19
N LEU B 204 9.39 -8.58 11.41
CA LEU B 204 8.36 -8.13 12.34
C LEU B 204 6.97 -8.44 11.79
N LEU B 205 6.86 -8.44 10.46
CA LEU B 205 5.66 -8.88 9.79
C LEU B 205 5.34 -10.35 10.08
N THR B 206 6.36 -11.19 10.25
CA THR B 206 6.12 -12.59 10.61
CA THR B 206 6.16 -12.60 10.60
C THR B 206 5.68 -12.70 12.06
N GLU B 207 6.23 -11.86 12.94
CA GLU B 207 5.79 -11.84 14.32
C GLU B 207 4.31 -11.49 14.33
N LEU B 208 3.95 -10.47 13.57
CA LEU B 208 2.57 -10.01 13.54
C LEU B 208 1.62 -11.11 13.03
N THR B 209 2.02 -11.78 11.96
CA THR B 209 1.15 -12.74 11.31
C THR B 209 1.15 -14.14 11.99
N THR B 210 2.17 -14.44 12.81
CA THR B 210 2.16 -15.69 13.59
C THR B 210 1.69 -15.46 15.03
N LYS B 211 1.15 -14.27 15.33
CA LYS B 211 0.78 -13.90 16.70
C LYS B 211 1.97 -13.92 17.66
N GLY B 212 3.16 -13.63 17.14
CA GLY B 212 4.30 -13.38 17.99
C GLY B 212 5.17 -14.58 18.28
N ARG B 213 5.14 -15.57 17.39
CA ARG B 213 6.10 -16.68 17.46
C ARG B 213 7.49 -16.21 17.08
N VAL B 214 8.50 -16.79 17.70
CA VAL B 214 9.87 -16.44 17.36
C VAL B 214 10.11 -16.88 15.92
N PRO B 215 10.72 -16.03 15.09
CA PRO B 215 11.01 -16.42 13.72
C PRO B 215 12.01 -17.57 13.61
N TYR B 216 12.04 -18.20 12.44
CA TYR B 216 12.90 -19.35 12.15
C TYR B 216 12.71 -20.44 13.21
N PRO B 217 11.48 -20.97 13.34
CA PRO B 217 11.18 -21.88 14.45
C PRO B 217 12.00 -23.15 14.35
N GLY B 218 12.57 -23.58 15.47
CA GLY B 218 13.42 -24.74 15.52
C GLY B 218 14.86 -24.50 15.05
N MET B 219 15.21 -23.24 14.77
CA MET B 219 16.55 -22.92 14.30
C MET B 219 17.31 -22.11 15.35
N VAL B 220 18.51 -22.54 15.64
CA VAL B 220 19.40 -21.81 16.53
C VAL B 220 20.08 -20.73 15.72
N ASN B 221 20.59 -19.71 16.41
CA ASN B 221 21.25 -18.57 15.76
C ASN B 221 22.21 -18.91 14.63
N ARG B 222 23.16 -19.80 14.90
CA ARG B 222 24.19 -20.19 13.93
C ARG B 222 23.60 -20.80 12.66
N GLU B 223 22.54 -21.58 12.83
CA GLU B 223 21.88 -22.25 11.71
C GLU B 223 21.09 -21.22 10.89
N VAL B 224 20.62 -20.16 11.54
CA VAL B 224 19.89 -19.07 10.85
C VAL B 224 20.80 -18.30 9.90
N LEU B 225 22.01 -17.99 10.38
CA LEU B 225 23.01 -17.25 9.61
C LEU B 225 23.50 -18.01 8.38
N ASP B 226 23.72 -19.32 8.53
CA ASP B 226 24.20 -20.14 7.40
C ASP B 226 23.07 -20.33 6.39
N GLN B 227 21.87 -20.60 6.90
CA GLN B 227 20.72 -20.77 6.02
C GLN B 227 20.36 -19.49 5.26
N VAL B 228 20.35 -18.36 5.96
CA VAL B 228 19.94 -17.09 5.33
C VAL B 228 20.90 -16.69 4.22
N GLU B 229 22.21 -16.81 4.48
CA GLU B 229 23.23 -16.52 3.47
C GLU B 229 23.18 -17.48 2.28
N ARG B 230 22.76 -18.72 2.52
CA ARG B 230 22.57 -19.69 1.44
C ARG B 230 21.25 -19.46 0.68
N GLY B 231 20.48 -18.45 1.09
CA GLY B 231 19.26 -18.06 0.36
C GLY B 231 17.96 -18.49 0.98
N TYR B 232 17.99 -19.01 2.21
CA TYR B 232 16.76 -19.42 2.89
C TYR B 232 15.97 -18.20 3.35
N ARG B 233 14.65 -18.27 3.20
CA ARG B 233 13.72 -17.29 3.76
C ARG B 233 12.49 -18.03 4.30
N MET B 234 11.91 -17.51 5.39
CA MET B 234 10.74 -18.12 5.99
C MET B 234 9.60 -18.22 4.97
N PRO B 235 8.86 -19.33 4.97
CA PRO B 235 7.76 -19.48 4.02
C PRO B 235 6.57 -18.63 4.43
N CYS B 236 5.52 -18.66 3.61
CA CYS B 236 4.29 -17.98 3.91
C CYS B 236 3.67 -18.55 5.20
N PRO B 237 3.45 -17.70 6.23
CA PRO B 237 2.76 -18.15 7.42
C PRO B 237 1.36 -18.66 7.12
N PRO B 238 0.86 -19.60 7.92
CA PRO B 238 -0.49 -20.13 7.66
C PRO B 238 -1.59 -19.05 7.61
N GLU B 239 -2.37 -19.06 6.53
CA GLU B 239 -3.42 -18.08 6.25
C GLU B 239 -2.93 -16.65 5.95
N CYS B 240 -1.64 -16.45 5.81
CA CYS B 240 -1.13 -15.16 5.39
C CYS B 240 -1.26 -15.10 3.87
N PRO B 241 -1.92 -14.06 3.32
CA PRO B 241 -2.02 -13.94 1.85
C PRO B 241 -0.66 -13.88 1.17
N GLU B 242 -0.52 -14.49 0.00
CA GLU B 242 0.79 -14.53 -0.67
C GLU B 242 1.36 -13.11 -0.90
N SER B 243 0.46 -12.16 -1.17
CA SER B 243 0.82 -10.76 -1.35
C SER B 243 1.57 -10.16 -0.16
N LEU B 244 1.19 -10.51 1.05
CA LEU B 244 1.92 -10.02 2.22
C LEU B 244 3.28 -10.71 2.37
N HIS B 245 3.38 -11.98 1.98
CA HIS B 245 4.61 -12.72 2.10
C HIS B 245 5.60 -12.23 1.08
N ASP B 246 5.13 -11.89 -0.11
CA ASP B 246 5.97 -11.25 -1.12
C ASP B 246 6.61 -9.98 -0.56
N LEU B 247 5.83 -9.18 0.18
CA LEU B 247 6.36 -7.96 0.83
C LEU B 247 7.43 -8.31 1.85
N MET B 248 7.23 -9.40 2.59
CA MET B 248 8.27 -9.91 3.45
C MET B 248 9.53 -10.22 2.64
N CYS B 249 9.39 -10.99 1.58
CA CYS B 249 10.52 -11.33 0.72
C CYS B 249 11.23 -10.12 0.10
N GLN B 250 10.48 -9.07 -0.22
CA GLN B 250 11.10 -7.83 -0.70
C GLN B 250 12.00 -7.21 0.39
N CYS B 251 11.54 -7.27 1.64
CA CYS B 251 12.32 -6.77 2.75
C CYS B 251 13.57 -7.62 2.99
N TRP B 252 13.55 -8.90 2.57
CA TRP B 252 14.71 -9.78 2.76
C TRP B 252 15.62 -9.98 1.58
N ARG B 253 15.63 -9.06 0.63
CA ARG B 253 16.52 -9.20 -0.52
C ARG B 253 18.00 -9.15 -0.07
N LYS B 254 18.82 -10.03 -0.65
CA LYS B 254 20.25 -10.10 -0.31
C LYS B 254 20.87 -8.72 -0.37
N ASP B 255 20.61 -8.00 -1.45
CA ASP B 255 21.13 -6.66 -1.64
C ASP B 255 20.27 -5.61 -0.94
N PRO B 256 20.84 -4.88 0.04
CA PRO B 256 20.04 -3.89 0.78
C PRO B 256 19.38 -2.83 -0.09
N GLU B 257 20.04 -2.44 -1.17
CA GLU B 257 19.55 -1.39 -2.06
C GLU B 257 18.25 -1.77 -2.78
N GLU B 258 18.02 -3.06 -2.99
CA GLU B 258 16.82 -3.48 -3.69
C GLU B 258 15.63 -3.70 -2.74
N ARG B 259 15.83 -3.51 -1.42
CA ARG B 259 14.72 -3.55 -0.45
C ARG B 259 13.93 -2.25 -0.48
N PRO B 260 12.59 -2.35 -0.29
CA PRO B 260 11.71 -1.20 -0.36
C PRO B 260 11.97 -0.18 0.73
N THR B 261 11.50 1.03 0.51
CA THR B 261 11.58 2.08 1.50
C THR B 261 10.42 1.95 2.51
N PHE B 262 10.59 2.60 3.65
CA PHE B 262 9.51 2.64 4.62
C PHE B 262 8.31 3.41 4.06
N GLU B 263 8.60 4.46 3.29
CA GLU B 263 7.58 5.25 2.61
C GLU B 263 6.72 4.32 1.78
N TYR B 264 7.38 3.45 1.01
CA TYR B 264 6.67 2.45 0.21
C TYR B 264 5.89 1.51 1.13
N LEU B 265 6.57 0.96 2.13
CA LEU B 265 5.93 0.02 3.06
C LEU B 265 4.69 0.64 3.74
N GLN B 266 4.80 1.91 4.15
CA GLN B 266 3.68 2.59 4.79
C GLN B 266 2.44 2.66 3.87
N ALA B 267 2.64 3.13 2.63
CA ALA B 267 1.56 3.31 1.68
C ALA B 267 0.91 1.96 1.33
N PHE B 268 1.75 0.96 1.06
CA PHE B 268 1.28 -0.39 0.71
C PHE B 268 0.37 -0.99 1.80
N LEU B 269 0.85 -0.92 3.05
CA LEU B 269 0.13 -1.49 4.18
C LEU B 269 -1.15 -0.69 4.47
N GLU B 270 -1.05 0.63 4.48
CA GLU B 270 -2.25 1.47 4.62
C GLU B 270 -3.32 1.12 3.59
N ASP B 271 -2.94 0.91 2.34
CA ASP B 271 -3.90 0.76 1.25
C ASP B 271 -4.26 -0.70 1.01
N TYR B 272 -3.74 -1.60 1.84
CA TYR B 272 -3.69 -3.03 1.54
C TYR B 272 -5.05 -3.59 1.13
N PHE B 273 -6.08 -3.29 1.90
CA PHE B 273 -7.35 -3.96 1.68
C PHE B 273 -8.18 -3.43 0.54
N THR B 274 -7.73 -2.34 -0.08
CA THR B 274 -8.34 -1.89 -1.32
C THR B 274 -7.47 -2.23 -2.55
N SER B 275 -6.19 -1.87 -2.49
CA SER B 275 -5.30 -1.98 -3.67
C SER B 275 -4.69 -3.36 -3.93
N THR B 276 -4.54 -4.19 -2.90
CA THR B 276 -3.77 -5.42 -3.03
C THR B 276 -4.61 -6.66 -2.75
N GLU B 277 -5.39 -6.60 -1.68
CA GLU B 277 -6.22 -7.73 -1.28
C GLU B 277 -7.68 -7.29 -1.04
N PRO B 278 -8.35 -6.82 -2.11
CA PRO B 278 -9.73 -6.36 -1.98
C PRO B 278 -10.73 -7.49 -1.80
N GLN B 279 -10.31 -8.74 -2.02
CA GLN B 279 -11.19 -9.90 -1.87
C GLN B 279 -10.88 -10.70 -0.59
N TYR B 280 -10.15 -10.09 0.34
CA TYR B 280 -9.82 -10.69 1.62
C TYR B 280 -11.06 -11.18 2.39
N GLN B 281 -11.00 -12.42 2.87
CA GLN B 281 -12.04 -13.06 3.68
C GLN B 281 -11.45 -13.41 5.06
N PRO B 282 -12.17 -13.12 6.16
CA PRO B 282 -11.70 -13.62 7.44
C PRO B 282 -11.59 -15.15 7.46
N GLY B 283 -10.56 -15.64 8.13
CA GLY B 283 -10.39 -17.06 8.36
C GLY B 283 -10.41 -17.39 9.83
N GLU B 284 -9.81 -18.52 10.18
CA GLU B 284 -9.79 -18.99 11.57
C GLU B 284 -8.83 -18.18 12.43
N ASN B 285 -7.63 -17.93 11.93
CA ASN B 285 -6.61 -17.18 12.66
C ASN B 285 -6.26 -15.78 12.14
N LEU B 286 -6.26 -15.62 10.82
CA LEU B 286 -5.95 -14.34 10.16
C LEU B 286 -7.13 -13.89 9.28
N1 BK5 C . -2.48 -8.51 -20.05
C2 BK5 C . -1.58 -8.45 -19.06
N3 BK5 C . -1.94 -8.52 -17.79
C4 BK5 C . -3.23 -8.64 -17.47
C5 BK5 C . -4.20 -8.73 -18.46
C6 BK5 C . -3.78 -8.65 -19.79
CAA BK5 C . -14.64 -11.23 -20.36
CAB BK5 C . -3.77 -9.77 -14.06
CAC BK5 C . -3.30 -7.30 -14.40
NAD BK5 C . -4.64 -8.69 -20.82
CAE BK5 C . -10.03 -11.34 -20.84
CAF BK5 C . -7.67 -8.17 -17.74
CAG BK5 C . -8.70 -11.19 -20.43
CAH BK5 C . -9.00 -8.32 -18.16
CAJ BK5 C . -10.67 -9.46 -19.47
CAK BK5 C . -7.02 -10.04 -19.10
CAL BK5 C . -13.16 -11.42 -19.94
NAO BK5 C . -5.08 -8.87 -16.46
OAP BK5 C . -12.31 -10.60 -20.78
CAQ BK5 C . -11.02 -10.47 -20.36
CAR BK5 C . -6.68 -9.01 -18.22
CAT BK5 C . -5.39 -8.86 -17.75
CAU BK5 C . -9.33 -9.32 -19.06
CAV BK5 C . -8.34 -10.18 -19.53
CAY BK5 C . -3.18 -8.71 -15.00
NAZ BK5 C . -3.87 -8.75 -16.31
N1 BK5 D . 4.95 2.46 28.60
C2 BK5 D . 4.35 1.33 29.00
N3 BK5 D . 5.03 0.20 29.11
C4 BK5 D . 6.35 0.17 28.84
C5 BK5 D . 7.02 1.32 28.43
C6 BK5 D . 6.27 2.50 28.31
CAA BK5 D . 16.40 5.42 24.87
CAB BK5 D . 8.10 -2.75 30.10
CAC BK5 D . 6.75 -3.04 27.99
NAD BK5 D . 6.80 3.65 27.91
CAE BK5 D . 12.69 5.21 27.89
CAF BK5 D . 10.21 1.01 26.81
CAG BK5 D . 11.52 4.63 28.39
CAH BK5 D . 11.37 1.60 26.34
CAJ BK5 D . 12.96 3.38 26.35
CAK BK5 D . 9.90 2.82 28.38
CAL BK5 D . 15.08 4.69 25.14
NAO BK5 D . 8.37 -0.42 28.54
OAP BK5 D . 14.57 5.19 26.39
CAQ BK5 D . 13.42 4.60 26.86
CAR BK5 D . 9.46 1.61 27.83
CAT BK5 D . 8.33 0.89 28.25
CAU BK5 D . 11.80 2.81 26.86
CAV BK5 D . 11.06 3.42 27.88
CAY BK5 D . 6.94 -2.20 29.26
NAZ BK5 D . 7.24 -0.81 28.87
#